data_7P3H
#
_entry.id   7P3H
#
_cell.length_a   103.040
_cell.length_b   103.040
_cell.length_c   46.880
_cell.angle_alpha   90.000
_cell.angle_beta   90.000
_cell.angle_gamma   120.000
#
_symmetry.space_group_name_H-M   'H 3'
#
loop_
_entity.id
_entity.type
_entity.pdbx_description
1 polymer 'Peptide HC02'
2 non-polymer 'TERBIUM(III) ION'
3 non-polymer 'ZINC ION'
4 water water
#
_entity_poly.entity_id   1
_entity_poly.type   'polypeptide(L)'
_entity_poly.pdbx_seq_one_letter_code
;(ACE)EWEAIEKKIAANESKDQAIEKKIQAIEKKIEAIEHG(NH2)
;
_entity_poly.pdbx_strand_id   A,B,C
#
loop_
_chem_comp.id
_chem_comp.type
_chem_comp.name
_chem_comp.formula
ACE non-polymer 'ACETYL GROUP' 'C2 H4 O'
NH2 non-polymer 'AMINO GROUP' 'H2 N'
TB non-polymer 'TERBIUM(III) ION' 'Tb 3'
ZN non-polymer 'ZINC ION' 'Zn 2'
#
# COMPACT_ATOMS: atom_id res chain seq x y z
C ACE A 1 -27.14 4.36 -4.22
O ACE A 1 -26.03 4.49 -4.72
CH3 ACE A 1 -28.39 4.42 -5.06
N GLU A 2 -27.33 4.13 -2.93
CA GLU A 2 -26.22 4.04 -1.98
C GLU A 2 -25.45 2.73 -2.11
N TRP A 3 -26.18 1.61 -2.27
CA TRP A 3 -25.52 0.30 -2.37
C TRP A 3 -24.51 0.28 -3.52
N GLU A 4 -24.91 0.77 -4.70
CA GLU A 4 -24.02 0.72 -5.86
C GLU A 4 -22.94 1.80 -5.82
N ALA A 5 -23.18 2.92 -5.12
CA ALA A 5 -22.17 3.96 -5.00
C ALA A 5 -21.05 3.54 -4.07
N ILE A 6 -21.39 2.87 -2.97
CA ILE A 6 -20.38 2.29 -2.09
C ILE A 6 -19.67 1.13 -2.79
N GLU A 7 -20.43 0.25 -3.48
CA GLU A 7 -19.82 -0.87 -4.21
C GLU A 7 -18.74 -0.36 -5.17
N LYS A 8 -18.92 0.86 -5.69
CA LYS A 8 -17.98 1.40 -6.65
C LYS A 8 -16.74 1.97 -5.97
N LYS A 9 -16.94 2.59 -4.80
CA LYS A 9 -15.82 3.09 -4.01
C LYS A 9 -14.95 1.95 -3.51
N ILE A 10 -15.57 0.86 -3.06
CA ILE A 10 -14.82 -0.31 -2.60
C ILE A 10 -14.04 -0.93 -3.76
N ALA A 11 -14.69 -1.10 -4.91
CA ALA A 11 -14.01 -1.70 -6.06
C ALA A 11 -12.81 -0.86 -6.49
N ALA A 12 -12.92 0.46 -6.40
CA ALA A 12 -11.80 1.32 -6.75
C ALA A 12 -10.67 1.20 -5.73
N ASN A 13 -11.01 0.94 -4.47
CA ASN A 13 -9.97 0.79 -3.45
C ASN A 13 -9.19 -0.50 -3.68
N GLU A 14 -9.89 -1.60 -3.92
CA GLU A 14 -9.23 -2.86 -4.25
C GLU A 14 -8.33 -2.71 -5.47
N SER A 15 -8.75 -1.94 -6.48
CA SER A 15 -7.93 -1.83 -7.68
C SER A 15 -6.62 -1.09 -7.37
N LYS A 16 -6.71 -0.04 -6.58
CA LYS A 16 -5.59 0.76 -6.14
C LYS A 16 -4.70 0.03 -5.17
N ASP A 17 -5.29 -0.85 -4.36
CA ASP A 17 -4.58 -1.70 -3.36
C ASP A 17 -3.75 -2.72 -4.13
N GLN A 18 -4.22 -3.09 -5.32
CA GLN A 18 -3.53 -4.08 -6.15
CA GLN A 18 -3.48 -4.08 -6.11
C GLN A 18 -2.38 -3.44 -6.94
N ALA A 19 -2.56 -2.19 -7.38
CA ALA A 19 -1.47 -1.48 -8.06
C ALA A 19 -0.33 -1.17 -7.10
N ILE A 20 -0.67 -0.87 -5.85
CA ILE A 20 0.33 -0.70 -4.80
C ILE A 20 1.12 -1.99 -4.62
N GLU A 21 0.44 -3.12 -4.56
CA GLU A 21 1.14 -4.40 -4.44
C GLU A 21 2.12 -4.61 -5.59
N LYS A 22 1.75 -4.26 -6.81
CA LYS A 22 2.65 -4.45 -7.94
C LYS A 22 3.89 -3.58 -7.79
N LYS A 23 3.70 -2.32 -7.39
CA LYS A 23 4.84 -1.43 -7.21
C LYS A 23 5.78 -1.95 -6.11
N ILE A 24 5.21 -2.59 -5.09
CA ILE A 24 6.03 -3.12 -4.01
C ILE A 24 6.89 -4.28 -4.50
N GLN A 25 6.31 -5.17 -5.33
CA GLN A 25 7.11 -6.26 -5.87
C GLN A 25 8.27 -5.74 -6.71
N ALA A 26 8.02 -4.73 -7.53
CA ALA A 26 9.11 -4.16 -8.35
C ALA A 26 10.20 -3.58 -7.45
N ILE A 27 9.82 -3.00 -6.31
CA ILE A 27 10.79 -2.45 -5.38
C ILE A 27 11.63 -3.56 -4.74
N GLU A 28 10.95 -4.65 -4.32
CA GLU A 28 11.65 -5.75 -3.69
C GLU A 28 12.66 -6.37 -4.64
N LYS A 29 12.34 -6.43 -5.94
CA LYS A 29 13.26 -6.99 -6.91
C LYS A 29 14.49 -6.10 -7.07
N LYS A 30 14.30 -4.77 -7.13
CA LYS A 30 15.44 -3.88 -7.21
C LYS A 30 16.35 -4.03 -6.00
N ILE A 31 15.75 -4.11 -4.81
CA ILE A 31 16.55 -4.31 -3.60
C ILE A 31 17.32 -5.63 -3.65
N GLU A 32 16.66 -6.73 -4.05
CA GLU A 32 17.26 -8.07 -4.22
C GLU A 32 18.54 -7.92 -5.08
N ALA A 33 18.37 -7.18 -6.18
CA ALA A 33 19.47 -7.03 -7.14
C ALA A 33 20.66 -6.32 -6.49
N ILE A 34 20.39 -5.30 -5.69
CA ILE A 34 21.44 -4.59 -4.98
C ILE A 34 22.16 -5.51 -4.01
N GLU A 35 21.39 -6.29 -3.23
CA GLU A 35 22.02 -7.12 -2.20
C GLU A 35 22.87 -8.24 -2.80
N HIS A 36 22.71 -8.56 -4.08
CA HIS A 36 23.53 -9.55 -4.76
C HIS A 36 24.55 -8.92 -5.69
N GLY A 37 25.14 -7.81 -5.27
CA GLY A 37 26.21 -7.15 -6.01
C GLY A 37 25.90 -6.85 -7.46
N NH2 A 38 24.86 -5.95 -7.10
C ACE B 1 -25.32 4.61 10.47
O ACE B 1 -24.11 4.79 10.47
CH3 ACE B 1 -26.27 5.66 10.93
N GLU B 2 -25.89 3.47 10.05
CA GLU B 2 -25.12 2.34 9.55
C GLU B 2 -24.35 2.70 8.28
N TRP B 3 -25.00 3.47 7.39
CA TRP B 3 -24.35 3.83 6.13
C TRP B 3 -23.25 4.86 6.35
N GLU B 4 -23.48 5.82 7.25
CA GLU B 4 -22.48 6.86 7.46
C GLU B 4 -21.23 6.34 8.14
N ALA B 5 -21.35 5.27 8.94
CA ALA B 5 -20.16 4.68 9.53
C ALA B 5 -19.33 3.97 8.48
N ILE B 6 -19.99 3.29 7.55
CA ILE B 6 -19.29 2.67 6.43
C ILE B 6 -18.58 3.74 5.61
N GLU B 7 -19.26 4.86 5.36
CA GLU B 7 -18.65 5.92 4.56
C GLU B 7 -17.39 6.46 5.24
N LYS B 8 -17.39 6.54 6.58
CA LYS B 8 -16.22 7.05 7.30
C LYS B 8 -15.06 6.06 7.23
N LYS B 9 -15.36 4.77 7.34
CA LYS B 9 -14.32 3.74 7.23
C LYS B 9 -13.69 3.77 5.84
N ILE B 10 -14.50 3.99 4.80
CA ILE B 10 -13.97 4.03 3.45
C ILE B 10 -13.08 5.26 3.24
N ALA B 11 -13.48 6.40 3.79
CA ALA B 11 -12.67 7.60 3.63
C ALA B 11 -11.34 7.45 4.35
N ALA B 12 -11.33 6.79 5.51
CA ALA B 12 -10.10 6.51 6.22
C ALA B 12 -9.21 5.56 5.43
N ASN B 13 -9.80 4.57 4.75
CA ASN B 13 -9.00 3.62 3.97
C ASN B 13 -8.30 4.33 2.81
N GLU B 14 -8.98 5.30 2.18
CA GLU B 14 -8.36 6.04 1.07
C GLU B 14 -7.21 6.91 1.57
N SER B 15 -7.32 7.45 2.77
CA SER B 15 -6.27 8.29 3.32
C SER B 15 -5.00 7.47 3.57
N LYS B 16 -5.15 6.29 4.18
CA LYS B 16 -4.02 5.39 4.39
C LYS B 16 -3.42 4.93 3.07
N ASP B 17 -4.26 4.47 2.16
CA ASP B 17 -3.75 4.01 0.87
C ASP B 17 -2.95 5.12 0.17
N GLN B 18 -3.34 6.39 0.34
CA GLN B 18 -2.63 7.53 -0.28
C GLN B 18 -1.30 7.84 0.42
N ALA B 19 -1.26 7.75 1.75
CA ALA B 19 0.00 7.90 2.47
C ALA B 19 1.00 6.86 2.02
N ILE B 20 0.57 5.61 1.86
CA ILE B 20 1.45 4.55 1.41
C ILE B 20 2.04 4.90 0.06
N GLU B 21 1.24 5.53 -0.82
CA GLU B 21 1.72 5.87 -2.15
C GLU B 21 2.80 6.94 -2.11
N LYS B 22 2.69 7.88 -1.17
CA LYS B 22 3.71 8.90 -1.01
C LYS B 22 5.02 8.26 -0.56
N LYS B 23 4.94 7.40 0.46
CA LYS B 23 6.11 6.68 0.93
C LYS B 23 6.77 5.89 -0.19
N ILE B 24 5.98 5.17 -1.00
CA ILE B 24 6.55 4.39 -2.10
C ILE B 24 7.33 5.29 -3.04
N GLN B 25 6.80 6.50 -3.31
CA GLN B 25 7.53 7.44 -4.15
C GLN B 25 8.90 7.77 -3.56
N ALA B 26 8.96 7.98 -2.24
CA ALA B 26 10.24 8.30 -1.63
C ALA B 26 11.20 7.12 -1.71
N ILE B 27 10.69 5.90 -1.52
CA ILE B 27 11.54 4.71 -1.61
C ILE B 27 12.16 4.59 -2.98
N GLU B 28 11.37 4.81 -4.04
CA GLU B 28 11.90 4.69 -5.40
C GLU B 28 13.05 5.66 -5.63
N LYS B 29 12.96 6.87 -5.06
CA LYS B 29 14.03 7.85 -5.21
C LYS B 29 15.31 7.37 -4.53
N LYS B 30 15.21 6.93 -3.27
CA LYS B 30 16.38 6.44 -2.56
C LYS B 30 17.03 5.28 -3.29
N ILE B 31 16.22 4.35 -3.79
CA ILE B 31 16.77 3.18 -4.45
C ILE B 31 17.50 3.57 -5.73
N GLU B 32 16.99 4.56 -6.45
CA GLU B 32 17.70 4.99 -7.64
C GLU B 32 19.02 5.68 -7.28
N ALA B 33 19.08 6.36 -6.13
CA ALA B 33 20.33 6.98 -5.70
C ALA B 33 21.37 5.91 -5.37
N ILE B 34 20.94 4.84 -4.71
CA ILE B 34 21.83 3.72 -4.44
C ILE B 34 22.27 3.05 -5.75
N GLU B 35 21.36 2.88 -6.71
CA GLU B 35 21.68 2.13 -7.95
C GLU B 35 22.95 2.68 -8.59
N HIS B 36 23.01 4.01 -8.80
CA HIS B 36 24.10 4.66 -9.52
C HIS B 36 24.43 5.92 -8.72
N GLY B 37 25.31 5.76 -7.72
CA GLY B 37 25.65 6.86 -6.84
C GLY B 37 26.58 7.88 -7.49
N NH2 B 38 26.67 8.79 -6.39
C ACE C 1 -26.70 -7.68 2.94
O ACE C 1 -25.78 -8.26 3.52
CH3 ACE C 1 -28.13 -7.94 3.31
N GLU C 2 -26.50 -6.79 1.95
CA GLU C 2 -25.18 -6.39 1.47
C GLU C 2 -24.42 -5.72 2.64
N TRP C 3 -25.15 -5.21 3.65
CA TRP C 3 -24.51 -4.50 4.76
C TRP C 3 -23.34 -5.29 5.32
N GLU C 4 -23.60 -6.52 5.75
CA GLU C 4 -22.55 -7.32 6.39
C GLU C 4 -21.51 -7.78 5.37
N ALA C 5 -21.92 -8.00 4.11
CA ALA C 5 -20.93 -8.34 3.09
C ALA C 5 -20.03 -7.15 2.78
N ILE C 6 -20.58 -5.94 2.81
CA ILE C 6 -19.76 -4.75 2.62
C ILE C 6 -18.73 -4.65 3.74
N GLU C 7 -19.17 -4.80 4.98
CA GLU C 7 -18.25 -4.72 6.11
C GLU C 7 -17.19 -5.83 6.04
N LYS C 8 -17.52 -6.98 5.47
CA LYS C 8 -16.52 -8.03 5.33
C LYS C 8 -15.48 -7.67 4.28
N LYS C 9 -15.90 -7.03 3.18
CA LYS C 9 -14.93 -6.56 2.19
C LYS C 9 -14.02 -5.49 2.77
N ILE C 10 -14.57 -4.59 3.60
CA ILE C 10 -13.79 -3.52 4.19
C ILE C 10 -12.76 -4.09 5.17
N ALA C 11 -13.18 -5.05 6.00
CA ALA C 11 -12.26 -5.70 6.92
C ALA C 11 -11.08 -6.32 6.17
N ALA C 12 -11.35 -6.89 5.00
CA ALA C 12 -10.27 -7.46 4.19
C ALA C 12 -9.35 -6.38 3.62
N ASN C 13 -9.90 -5.23 3.19
CA ASN C 13 -9.04 -4.15 2.71
C ASN C 13 -8.12 -3.65 3.81
N GLU C 14 -8.60 -3.63 5.06
CA GLU C 14 -7.83 -3.08 6.17
C GLU C 14 -6.64 -3.99 6.50
N SER C 15 -6.87 -5.29 6.59
CA SER C 15 -5.79 -6.20 6.90
C SER C 15 -4.77 -6.23 5.77
N LYS C 16 -5.24 -6.16 4.52
CA LYS C 16 -4.36 -6.11 3.36
C LYS C 16 -3.52 -4.83 3.37
N ASP C 17 -4.11 -3.70 3.78
CA ASP C 17 -3.32 -2.48 3.82
C ASP C 17 -2.34 -2.52 4.99
N GLN C 18 -2.69 -3.25 6.06
CA GLN C 18 -1.81 -3.34 7.23
C GLN C 18 -0.55 -4.14 6.90
N ALA C 19 -0.73 -5.28 6.23
CA ALA C 19 0.39 -6.06 5.72
C ALA C 19 1.30 -5.22 4.84
N ILE C 20 0.73 -4.34 4.03
CA ILE C 20 1.54 -3.47 3.19
C ILE C 20 2.30 -2.46 4.04
N GLU C 21 1.65 -1.95 5.09
CA GLU C 21 2.31 -1.04 6.03
C GLU C 21 3.54 -1.69 6.67
N LYS C 22 3.42 -2.96 7.05
CA LYS C 22 4.52 -3.67 7.68
C LYS C 22 5.69 -3.84 6.72
N LYS C 23 5.41 -4.19 5.46
CA LYS C 23 6.47 -4.34 4.47
C LYS C 23 7.17 -3.01 4.21
N ILE C 24 6.42 -1.90 4.24
CA ILE C 24 7.03 -0.60 4.01
C ILE C 24 8.02 -0.28 5.11
N GLN C 25 7.62 -0.52 6.37
CA GLN C 25 8.52 -0.35 7.51
C GLN C 25 9.82 -1.11 7.27
N ALA C 26 9.72 -2.41 6.96
CA ALA C 26 10.90 -3.24 6.80
C ALA C 26 11.76 -2.75 5.64
N ILE C 27 11.13 -2.32 4.55
CA ILE C 27 11.91 -1.84 3.42
C ILE C 27 12.63 -0.55 3.77
N GLU C 28 11.98 0.32 4.55
CA GLU C 28 12.60 1.58 4.94
C GLU C 28 13.82 1.34 5.82
N LYS C 29 13.73 0.37 6.74
CA LYS C 29 14.89 0.01 7.57
C LYS C 29 16.01 -0.55 6.73
N LYS C 30 15.70 -1.49 5.83
CA LYS C 30 16.73 -2.13 5.04
C LYS C 30 17.42 -1.13 4.11
N ILE C 31 16.71 -0.11 3.63
CA ILE C 31 17.34 0.87 2.76
C ILE C 31 18.36 1.70 3.52
N GLU C 32 18.03 2.15 4.74
CA GLU C 32 18.99 2.91 5.52
C GLU C 32 20.20 2.05 5.87
N ALA C 33 19.96 0.79 6.25
CA ALA C 33 21.07 -0.13 6.47
C ALA C 33 21.88 -0.32 5.20
N ILE C 34 21.20 -0.45 4.05
CA ILE C 34 21.98 -0.58 2.82
C ILE C 34 22.81 0.68 2.58
N GLU C 35 22.29 1.86 2.95
CA GLU C 35 23.06 3.09 2.73
C GLU C 35 24.22 3.18 3.71
N HIS C 36 24.06 2.61 4.90
CA HIS C 36 25.12 2.70 5.90
C HIS C 36 26.40 2.07 5.37
N GLY C 37 26.26 0.92 4.74
CA GLY C 37 27.39 0.21 4.20
C GLY C 37 27.16 -0.29 2.79
N NH2 C 38 27.38 0.76 1.85
TB TB D . -6.93 0.07 0.75
ZN ZN E . -25.05 -3.02 -5.29
ZN ZN F . -23.74 -3.86 -8.87
TB TB G . -23.64 10.18 3.77
ZN ZN H . -22.63 -2.22 10.78
TB TB I . -21.28 -6.18 11.41
#